data_1NV8
#
_entry.id   1NV8
#
_cell.length_a   141.489
_cell.length_b   59.062
_cell.length_c   85.605
_cell.angle_alpha   90.00
_cell.angle_beta   109.22
_cell.angle_gamma   90.00
#
_symmetry.space_group_name_H-M   'C 1 2 1'
#
loop_
_entity.id
_entity.type
_entity.pdbx_description
1 polymer 'hemK protein'
2 non-polymer S-ADENOSYLMETHIONINE
3 non-polymer N5-METHYLGLUTAMINE
4 water water
#
_entity_poly.entity_id   1
_entity_poly.type   'polypeptide(L)'
_entity_poly.pdbx_seq_one_letter_code
;GAMDTRKNVSGAERKIWSLIRDCSGKLEGVTETSVLEVLLIVSRVLGIRKEDLFLKDLGVSPTEEKRILELVEKRASGYP
LHYILGEKEFMGLSFLVEEGVFVPRPETEELVELALELIRKYGIKTVADIGTGSGAIGVSVAKFSDAIVFATDVSSKAVE
IARKNAERHGVSDRFFVRKGEFLEPFKEKFASIEMILSNPPYVKSSAHLPKDVLFEPPEALFGGEDGLDFYREFFGRYDT
SGKIVLMEIGEDQVEELKKIVSDTVFLKDSAGKYRFLLLNRRSS
;
_entity_poly.pdbx_strand_id   A,B
#
loop_
_chem_comp.id
_chem_comp.type
_chem_comp.name
_chem_comp.formula
SAM non-polymer S-ADENOSYLMETHIONINE 'C15 H22 N6 O5 S'
#
# COMPACT_ATOMS: atom_id res chain seq x y z
N ARG A 14 16.25 14.06 -4.26
CA ARG A 14 16.15 15.48 -4.65
C ARG A 14 14.76 15.81 -5.23
N LYS A 15 14.19 14.99 -6.11
CA LYS A 15 12.79 15.21 -6.53
C LYS A 15 11.80 14.68 -5.46
N ILE A 16 10.90 15.57 -5.06
CA ILE A 16 10.10 15.44 -3.83
C ILE A 16 9.06 14.33 -3.80
N TRP A 17 8.47 14.04 -4.96
CA TRP A 17 7.47 13.01 -5.13
C TRP A 17 7.98 11.57 -5.10
N SER A 18 9.19 11.34 -5.56
CA SER A 18 9.81 9.98 -5.33
C SER A 18 10.25 9.81 -3.85
N LEU A 19 10.56 10.93 -3.20
CA LEU A 19 10.77 10.91 -1.77
C LEU A 19 9.47 10.51 -1.11
N ILE A 20 8.38 11.14 -1.55
CA ILE A 20 7.06 10.88 -0.90
C ILE A 20 6.65 9.41 -1.04
N ARG A 21 6.86 8.90 -2.23
CA ARG A 21 6.56 7.50 -2.58
C ARG A 21 7.43 6.47 -1.82
N ASP A 22 8.75 6.66 -1.79
CA ASP A 22 9.62 5.80 -0.97
C ASP A 22 9.36 6.00 0.52
N CYS A 23 9.06 7.19 1.00
CA CYS A 23 8.74 7.26 2.43
C CYS A 23 7.45 6.52 2.81
N SER A 24 6.44 6.60 1.93
CA SER A 24 5.12 6.09 2.26
C SER A 24 5.19 4.61 2.57
N GLY A 25 6.02 3.88 1.82
CA GLY A 25 6.25 2.48 2.10
C GLY A 25 6.88 2.20 3.43
N LYS A 26 7.70 3.08 3.95
CA LYS A 26 8.24 2.77 5.30
C LYS A 26 7.26 2.86 6.42
N LEU A 27 6.08 3.46 6.18
CA LEU A 27 5.10 3.69 7.24
C LEU A 27 3.93 2.71 7.17
N GLU A 28 4.05 1.75 6.24
CA GLU A 28 3.04 0.70 6.00
C GLU A 28 2.46 0.01 7.24
N GLY A 29 3.34 -0.37 8.18
CA GLY A 29 2.92 -1.09 9.38
C GLY A 29 2.58 -0.28 10.63
N VAL A 30 2.57 1.05 10.45
CA VAL A 30 2.28 1.99 11.53
C VAL A 30 0.92 2.71 11.29
N THR A 31 0.50 2.81 10.02
CA THR A 31 -0.71 3.54 9.66
C THR A 31 -1.34 2.97 8.42
N GLU A 32 -2.65 3.20 8.30
CA GLU A 32 -3.39 2.90 7.06
C GLU A 32 -3.25 3.97 5.96
N THR A 33 -2.84 5.18 6.33
CA THR A 33 -2.76 6.29 5.40
C THR A 33 -1.34 6.82 5.27
N SER A 34 -0.38 6.03 4.76
CA SER A 34 1.01 6.43 4.80
C SER A 34 1.31 7.64 3.85
N VAL A 35 0.69 7.68 2.68
CA VAL A 35 0.96 8.78 1.76
C VAL A 35 0.59 10.10 2.45
N LEU A 36 -0.54 10.10 3.15
CA LEU A 36 -1.03 11.30 3.81
C LEU A 36 -0.10 11.73 4.91
N GLU A 37 0.37 10.77 5.69
CA GLU A 37 1.24 11.15 6.79
C GLU A 37 2.54 11.71 6.32
N VAL A 38 3.08 11.12 5.23
CA VAL A 38 4.33 11.66 4.61
C VAL A 38 4.04 13.06 4.05
N LEU A 39 2.91 13.23 3.36
CA LEU A 39 2.51 14.62 2.89
C LEU A 39 2.47 15.65 4.03
N LEU A 40 1.95 15.24 5.20
CA LEU A 40 1.86 16.13 6.34
C LEU A 40 3.27 16.38 6.90
N ILE A 41 4.06 15.33 6.97
CA ILE A 41 5.42 15.50 7.49
C ILE A 41 6.21 16.36 6.54
N VAL A 42 6.02 16.15 5.24
CA VAL A 42 6.81 16.95 4.31
C VAL A 42 6.51 18.43 4.50
N SER A 43 5.23 18.73 4.58
CA SER A 43 4.75 20.07 4.72
C SER A 43 5.27 20.64 6.03
N ARG A 44 5.15 19.86 7.07
CA ARG A 44 5.65 20.36 8.35
C ARG A 44 7.13 20.75 8.21
N VAL A 45 7.97 19.90 7.59
CA VAL A 45 9.38 20.28 7.49
C VAL A 45 9.66 21.43 6.49
N LEU A 46 9.10 21.42 5.29
CA LEU A 46 9.36 22.53 4.37
C LEU A 46 8.68 23.84 4.79
N GLY A 47 7.79 23.78 5.81
CA GLY A 47 7.10 24.94 6.39
C GLY A 47 6.13 25.54 5.39
N ILE A 48 5.45 24.68 4.65
CA ILE A 48 4.68 25.08 3.46
C ILE A 48 3.30 24.63 3.86
N ARG A 49 2.34 24.59 2.93
CA ARG A 49 0.98 24.26 3.31
C ARG A 49 0.58 23.00 2.62
N LYS A 50 -0.01 22.03 3.33
CA LYS A 50 -0.61 20.81 2.72
C LYS A 50 -1.08 21.02 1.28
N GLU A 51 -1.75 22.14 1.10
CA GLU A 51 -2.43 22.53 -0.13
C GLU A 51 -1.45 22.91 -1.26
N ASP A 52 -0.31 23.47 -0.90
CA ASP A 52 0.68 23.97 -1.88
C ASP A 52 1.77 22.98 -2.30
N LEU A 53 1.57 21.72 -1.87
CA LEU A 53 2.44 20.62 -2.24
C LEU A 53 2.14 20.14 -3.63
N PHE A 54 1.11 20.68 -4.28
CA PHE A 54 0.76 20.17 -5.61
C PHE A 54 1.51 20.80 -6.83
N LEU A 55 2.74 21.26 -6.59
CA LEU A 55 3.70 21.57 -7.68
C LEU A 55 4.31 20.26 -8.30
N LYS A 56 3.97 20.05 -9.57
CA LYS A 56 4.21 18.82 -10.35
C LYS A 56 5.68 18.35 -10.52
N ASP A 57 6.68 19.19 -10.27
CA ASP A 57 8.04 18.74 -10.52
C ASP A 57 8.78 18.47 -9.23
N LEU A 58 8.89 19.51 -8.39
CA LEU A 58 10.04 19.69 -7.45
C LEU A 58 9.74 20.50 -6.12
N GLY A 59 10.78 20.52 -5.25
CA GLY A 59 10.90 21.49 -4.17
C GLY A 59 11.88 21.24 -2.99
N VAL A 60 12.81 20.26 -3.00
CA VAL A 60 13.53 19.87 -1.73
C VAL A 60 15.12 19.87 -1.58
N SER A 61 15.62 20.60 -0.57
CA SER A 61 17.06 20.74 -0.21
C SER A 61 17.64 19.52 0.56
N PRO A 62 18.96 19.35 0.54
CA PRO A 62 19.63 18.26 1.31
C PRO A 62 19.43 18.23 2.82
N THR A 63 19.44 19.38 3.49
CA THR A 63 19.10 19.39 4.91
C THR A 63 17.60 18.95 5.06
N GLU A 64 16.73 19.55 4.27
CA GLU A 64 15.33 19.15 4.22
C GLU A 64 15.14 17.66 3.95
N GLU A 65 15.93 17.08 3.04
CA GLU A 65 15.77 15.65 2.77
C GLU A 65 16.04 14.73 3.99
N LYS A 66 17.13 15.00 4.72
CA LYS A 66 17.57 14.13 5.81
C LYS A 66 16.56 14.24 6.93
N ARG A 67 16.16 15.48 7.18
CA ARG A 67 15.13 15.80 8.19
C ARG A 67 13.86 14.93 8.00
N ILE A 68 13.31 14.94 6.78
CA ILE A 68 12.12 14.16 6.48
C ILE A 68 12.31 12.68 6.71
N LEU A 69 13.46 12.18 6.26
CA LEU A 69 13.78 10.74 6.49
C LEU A 69 13.99 10.42 7.96
N GLU A 70 14.74 11.28 8.67
CA GLU A 70 14.76 11.23 10.16
C GLU A 70 13.29 11.14 10.79
N LEU A 71 12.44 12.11 10.48
CA LEU A 71 11.03 12.05 11.03
C LEU A 71 10.21 10.85 10.56
N VAL A 72 10.47 10.39 9.33
CA VAL A 72 9.80 9.21 8.83
C VAL A 72 10.27 7.97 9.57
N GLU A 73 11.57 7.84 9.82
CA GLU A 73 12.05 6.69 10.62
C GLU A 73 11.45 6.68 12.04
N LYS A 74 11.50 7.87 12.65
CA LYS A 74 10.77 8.13 13.90
C LYS A 74 9.34 7.62 13.91
N ARG A 75 8.61 8.00 12.86
CA ARG A 75 7.19 7.66 12.80
C ARG A 75 7.03 6.14 12.63
N ALA A 76 7.80 5.58 11.72
CA ALA A 76 7.93 4.12 11.59
C ALA A 76 8.12 3.34 12.94
N SER A 77 8.86 3.91 13.91
CA SER A 77 8.91 3.34 15.26
C SER A 77 7.56 3.26 16.01
N GLY A 78 6.56 4.02 15.56
CA GLY A 78 5.21 4.08 16.16
C GLY A 78 4.95 5.40 16.94
N TYR A 79 5.94 6.27 17.04
CA TYR A 79 5.85 7.65 17.59
C TYR A 79 4.74 8.46 16.96
N PRO A 80 3.97 9.18 17.77
CA PRO A 80 2.76 9.85 17.29
C PRO A 80 3.05 10.91 16.26
N LEU A 81 2.31 10.79 15.19
CA LEU A 81 2.37 11.73 14.13
C LEU A 81 2.22 13.15 14.65
N HIS A 82 1.25 13.41 15.57
CA HIS A 82 0.92 14.83 15.87
C HIS A 82 1.96 15.36 16.79
N TYR A 83 2.75 14.49 17.38
CA TYR A 83 3.93 15.03 18.11
C TYR A 83 4.89 15.64 17.11
N ILE A 84 5.10 14.94 15.99
CA ILE A 84 5.95 15.41 14.91
C ILE A 84 5.34 16.68 14.29
N LEU A 85 4.02 16.68 14.05
CA LEU A 85 3.39 17.88 13.47
C LEU A 85 3.33 19.06 14.43
N GLY A 86 3.35 18.82 15.74
CA GLY A 86 3.26 19.90 16.76
C GLY A 86 1.82 20.41 17.00
N GLU A 87 0.79 19.70 16.54
CA GLU A 87 -0.58 20.27 16.39
C GLU A 87 -1.53 19.09 16.21
N LYS A 88 -2.78 19.27 16.60
CA LYS A 88 -3.83 18.27 16.37
C LYS A 88 -5.10 19.06 16.18
N GLU A 89 -5.86 18.71 15.19
CA GLU A 89 -7.14 19.36 14.92
C GLU A 89 -8.22 18.78 15.82
N PHE A 90 -8.97 19.62 16.54
CA PHE A 90 -10.06 19.09 17.39
C PHE A 90 -11.18 20.10 17.47
N MET A 91 -12.42 19.66 17.19
CA MET A 91 -13.57 20.56 16.98
C MET A 91 -13.32 21.67 15.99
N GLY A 92 -12.67 21.34 14.88
CA GLY A 92 -12.27 22.35 13.93
C GLY A 92 -11.26 23.35 14.46
N LEU A 93 -10.61 23.10 15.57
CA LEU A 93 -9.62 24.08 16.02
C LEU A 93 -8.24 23.42 16.04
N SER A 94 -7.16 24.17 15.87
CA SER A 94 -5.83 23.63 15.94
C SER A 94 -5.31 23.76 17.32
N PHE A 95 -5.22 22.64 18.05
CA PHE A 95 -4.51 22.59 19.33
C PHE A 95 -3.01 22.20 19.20
N LEU A 96 -2.12 23.03 19.71
CA LEU A 96 -0.69 22.63 19.89
C LEU A 96 -0.60 21.39 20.80
N VAL A 97 0.26 20.44 20.43
CA VAL A 97 0.60 19.32 21.27
C VAL A 97 2.10 19.07 21.18
N GLU A 98 2.60 18.29 22.10
CA GLU A 98 4.03 18.08 22.26
C GLU A 98 4.12 16.78 23.03
N GLU A 99 5.29 16.17 22.90
CA GLU A 99 5.73 15.08 23.74
C GLU A 99 5.46 15.44 25.16
N GLY A 100 4.78 14.57 25.91
CA GLY A 100 4.29 14.91 27.24
C GLY A 100 2.79 15.29 27.43
N VAL A 101 2.01 15.41 26.37
CA VAL A 101 0.58 15.80 26.48
C VAL A 101 -0.15 14.75 25.72
N PHE A 102 -1.24 14.28 26.26
CA PHE A 102 -2.18 13.47 25.53
C PHE A 102 -2.73 14.20 24.29
N VAL A 103 -2.83 13.49 23.18
CA VAL A 103 -3.23 14.07 21.89
C VAL A 103 -4.74 13.88 21.81
N PRO A 104 -5.49 14.95 21.61
CA PRO A 104 -6.96 14.83 21.65
C PRO A 104 -7.48 13.90 20.58
N ARG A 105 -8.41 13.04 21.01
CA ARG A 105 -9.16 12.11 20.18
C ARG A 105 -10.54 12.57 19.70
N PRO A 106 -10.93 12.10 18.53
CA PRO A 106 -12.16 12.55 17.84
C PRO A 106 -13.41 12.20 18.61
N GLU A 107 -13.38 11.07 19.33
CA GLU A 107 -14.41 10.58 20.17
C GLU A 107 -14.87 11.63 21.23
N THR A 108 -13.90 12.34 21.78
CA THR A 108 -14.10 13.39 22.74
C THR A 108 -14.83 14.58 22.24
N GLU A 109 -14.87 14.73 20.93
CA GLU A 109 -15.61 15.83 20.32
C GLU A 109 -17.02 15.71 20.68
N GLU A 110 -17.52 14.50 20.73
CA GLU A 110 -18.91 14.27 20.99
C GLU A 110 -19.29 14.69 22.45
N LEU A 111 -18.41 14.45 23.43
CA LEU A 111 -18.54 15.10 24.78
C LEU A 111 -18.65 16.61 24.66
N VAL A 112 -17.82 17.24 23.88
CA VAL A 112 -18.01 18.70 23.81
C VAL A 112 -19.38 19.15 23.22
N GLU A 113 -19.88 18.42 22.22
CA GLU A 113 -21.11 18.80 21.56
C GLU A 113 -22.28 18.60 22.54
N LEU A 114 -22.28 17.48 23.27
CA LEU A 114 -23.23 17.27 24.39
C LEU A 114 -23.15 18.33 25.45
N ALA A 115 -21.94 18.73 25.83
CA ALA A 115 -21.77 19.82 26.78
C ALA A 115 -22.35 21.15 26.31
N LEU A 116 -22.10 21.47 25.07
CA LEU A 116 -22.57 22.74 24.55
C LEU A 116 -24.09 22.72 24.54
N GLU A 117 -24.64 21.56 24.25
CA GLU A 117 -26.08 21.44 24.10
C GLU A 117 -26.67 21.56 25.54
N LEU A 118 -26.05 20.99 26.59
CA LEU A 118 -26.58 21.23 27.92
C LEU A 118 -26.44 22.71 28.40
N ILE A 119 -25.41 23.40 27.89
CA ILE A 119 -25.19 24.82 28.22
C ILE A 119 -26.27 25.72 27.62
N ARG A 120 -26.63 25.39 26.41
CA ARG A 120 -27.68 26.04 25.64
C ARG A 120 -29.03 25.77 26.29
N LYS A 121 -29.31 24.53 26.65
CA LYS A 121 -30.56 24.25 27.25
C LYS A 121 -30.78 24.92 28.62
N TYR A 122 -29.72 25.08 29.46
CA TYR A 122 -29.90 25.42 30.85
C TYR A 122 -29.37 26.77 31.13
N GLY A 123 -28.72 27.45 30.20
CA GLY A 123 -28.15 28.78 30.52
C GLY A 123 -26.91 28.74 31.48
N ILE A 124 -26.12 27.64 31.41
CA ILE A 124 -24.95 27.47 32.25
C ILE A 124 -23.82 28.51 32.02
N LYS A 125 -23.32 29.08 33.08
CA LYS A 125 -22.29 30.06 33.00
C LYS A 125 -20.89 29.57 33.49
N THR A 126 -20.88 28.51 34.28
CA THR A 126 -19.63 28.06 34.96
C THR A 126 -19.41 26.58 34.83
N VAL A 127 -18.26 26.23 34.19
CA VAL A 127 -17.90 24.85 33.81
C VAL A 127 -16.50 24.52 34.28
N ALA A 128 -16.28 23.27 34.65
CA ALA A 128 -14.96 22.80 34.95
C ALA A 128 -14.53 21.68 33.98
N ASP A 129 -13.23 21.61 33.74
CA ASP A 129 -12.63 20.59 32.89
C ASP A 129 -11.51 19.97 33.67
N ILE A 130 -11.77 18.81 34.18
CA ILE A 130 -10.77 18.06 34.94
C ILE A 130 -9.89 17.23 34.10
N GLY A 131 -8.58 17.42 34.23
CA GLY A 131 -7.68 16.61 33.42
C GLY A 131 -7.61 17.22 32.03
N THR A 132 -7.29 18.50 31.93
CA THR A 132 -7.57 19.25 30.72
C THR A 132 -6.57 18.88 29.57
N GLY A 133 -5.35 18.44 29.87
CA GLY A 133 -4.39 18.01 28.82
C GLY A 133 -4.01 19.17 27.96
N SER A 134 -4.25 19.06 26.68
CA SER A 134 -4.07 20.19 25.76
C SER A 134 -5.04 21.35 25.90
N GLY A 135 -6.16 21.20 26.64
CA GLY A 135 -7.18 22.25 26.74
C GLY A 135 -8.37 21.90 25.84
N ALA A 136 -8.25 20.79 25.15
CA ALA A 136 -9.19 20.43 24.12
C ALA A 136 -10.68 20.67 24.44
N ILE A 137 -11.15 20.08 25.57
CA ILE A 137 -12.55 20.26 26.00
C ILE A 137 -12.87 21.65 26.46
N GLY A 138 -12.12 22.17 27.43
CA GLY A 138 -12.42 23.42 28.07
C GLY A 138 -12.27 24.63 27.14
N VAL A 139 -11.22 24.61 26.33
CA VAL A 139 -11.00 25.68 25.36
C VAL A 139 -12.07 25.68 24.33
N SER A 140 -12.50 24.50 23.83
CA SER A 140 -13.52 24.44 22.81
C SER A 140 -14.80 24.96 23.42
N VAL A 141 -15.07 24.56 24.67
CA VAL A 141 -16.31 24.96 25.34
C VAL A 141 -16.35 26.49 25.48
N ALA A 142 -15.23 27.09 25.88
CA ALA A 142 -15.16 28.53 25.94
C ALA A 142 -15.24 29.23 24.60
N LYS A 143 -14.64 28.64 23.61
CA LYS A 143 -14.65 29.24 22.28
C LYS A 143 -16.04 29.32 21.70
N PHE A 144 -16.85 28.32 21.93
CA PHE A 144 -18.16 28.17 21.30
C PHE A 144 -19.37 28.47 22.24
N SER A 145 -19.12 28.95 23.42
CA SER A 145 -20.20 29.38 24.34
C SER A 145 -19.79 30.68 25.04
N ASP A 146 -20.64 31.18 25.93
CA ASP A 146 -20.29 32.28 26.83
C ASP A 146 -19.77 31.83 28.20
N ALA A 147 -19.63 30.55 28.44
CA ALA A 147 -19.31 29.99 29.74
C ALA A 147 -17.89 30.35 30.12
N ILE A 148 -17.65 30.46 31.41
CA ILE A 148 -16.27 30.48 31.88
C ILE A 148 -15.89 29.07 32.33
N VAL A 149 -14.63 28.67 32.06
CA VAL A 149 -14.14 27.31 32.32
C VAL A 149 -12.95 27.35 33.28
N PHE A 150 -13.04 26.52 34.31
CA PHE A 150 -11.99 26.34 35.27
C PHE A 150 -11.36 24.93 35.00
N ALA A 151 -10.10 24.85 34.67
CA ALA A 151 -9.48 23.58 34.23
C ALA A 151 -8.30 23.21 35.11
N THR A 152 -8.12 21.91 35.30
CA THR A 152 -7.02 21.36 36.08
C THR A 152 -6.26 20.27 35.33
N ASP A 153 -5.05 20.11 35.75
CA ASP A 153 -4.28 18.92 35.40
C ASP A 153 -3.13 18.65 36.37
N VAL A 154 -2.84 17.38 36.68
CA VAL A 154 -1.61 16.98 37.42
C VAL A 154 -0.25 17.33 36.77
N SER A 155 -0.25 17.50 35.45
CA SER A 155 0.95 17.64 34.69
C SER A 155 1.21 19.10 34.45
N SER A 156 2.42 19.57 34.81
CA SER A 156 2.90 20.91 34.41
C SER A 156 2.95 21.18 32.91
N LYS A 157 3.21 20.17 32.11
CA LYS A 157 3.27 20.37 30.68
C LYS A 157 1.87 20.55 30.11
N ALA A 158 0.90 19.77 30.61
CA ALA A 158 -0.54 19.96 30.22
C ALA A 158 -1.02 21.35 30.57
N VAL A 159 -0.69 21.82 31.75
CA VAL A 159 -1.08 23.20 32.15
C VAL A 159 -0.56 24.33 31.23
N GLU A 160 0.72 24.24 30.93
CA GLU A 160 1.45 25.25 30.15
C GLU A 160 0.87 25.32 28.74
N ILE A 161 0.70 24.16 28.14
CA ILE A 161 0.12 23.97 26.82
C ILE A 161 -1.40 24.31 26.71
N ALA A 162 -2.21 23.96 27.70
CA ALA A 162 -3.66 24.38 27.79
C ALA A 162 -3.77 25.86 27.85
N ARG A 163 -2.95 26.49 28.66
CA ARG A 163 -2.75 27.98 28.60
C ARG A 163 -2.43 28.58 27.23
N LYS A 164 -1.46 28.01 26.53
CA LYS A 164 -1.04 28.54 25.22
C LYS A 164 -2.20 28.27 24.23
N ASN A 165 -2.82 27.09 24.28
CA ASN A 165 -4.02 26.89 23.42
C ASN A 165 -5.24 27.86 23.69
N ALA A 166 -5.44 28.21 24.95
CA ALA A 166 -6.48 29.20 25.25
C ALA A 166 -6.11 30.54 24.63
N GLU A 167 -4.86 30.98 24.78
CA GLU A 167 -4.34 32.20 24.17
C GLU A 167 -4.48 32.15 22.64
N ARG A 168 -4.04 31.03 22.04
CA ARG A 168 -4.15 30.76 20.61
C ARG A 168 -5.59 30.96 20.08
N HIS A 169 -6.62 30.64 20.87
CA HIS A 169 -8.00 30.73 20.37
C HIS A 169 -8.79 31.88 20.99
N GLY A 170 -8.06 32.80 21.59
CA GLY A 170 -8.54 34.06 22.16
C GLY A 170 -9.51 33.90 23.33
N VAL A 171 -9.34 32.89 24.21
CA VAL A 171 -10.27 32.76 25.37
C VAL A 171 -9.55 32.72 26.69
N SER A 172 -8.34 33.26 26.72
CA SER A 172 -7.62 33.49 27.99
C SER A 172 -8.40 34.25 29.01
N ASP A 173 -9.36 35.04 28.61
CA ASP A 173 -10.19 35.68 29.65
C ASP A 173 -11.34 34.80 30.21
N ARG A 174 -11.57 33.60 29.67
CA ARG A 174 -12.69 32.76 30.15
C ARG A 174 -12.26 31.29 30.34
N PHE A 175 -11.00 31.07 30.43
CA PHE A 175 -10.46 29.69 30.57
C PHE A 175 -9.23 29.82 31.42
N PHE A 176 -9.27 29.23 32.60
CA PHE A 176 -8.25 29.37 33.60
C PHE A 176 -7.81 28.00 34.12
N VAL A 177 -6.50 27.72 33.99
CA VAL A 177 -5.96 26.41 34.33
C VAL A 177 -5.02 26.56 35.53
N ARG A 178 -5.12 25.57 36.40
CA ARG A 178 -4.27 25.46 37.57
C ARG A 178 -3.78 24.05 37.76
N LYS A 179 -2.51 23.91 38.16
CA LYS A 179 -1.90 22.59 38.40
C LYS A 179 -2.51 21.99 39.66
N GLY A 180 -2.91 20.75 39.59
CA GLY A 180 -3.38 20.01 40.77
C GLY A 180 -4.29 18.86 40.29
N GLU A 181 -4.78 18.07 41.24
CA GLU A 181 -5.67 16.98 41.04
C GLU A 181 -7.15 17.34 41.23
N PHE A 182 -8.00 16.73 40.40
CA PHE A 182 -9.42 16.85 40.51
C PHE A 182 -9.82 18.35 40.53
N LEU A 183 -10.56 18.82 41.53
CA LEU A 183 -10.86 20.28 41.65
C LEU A 183 -10.20 20.95 42.91
N GLU A 184 -9.21 20.28 43.45
CA GLU A 184 -8.51 20.77 44.61
C GLU A 184 -7.96 22.15 44.45
N PRO A 185 -7.43 22.54 43.31
CA PRO A 185 -6.98 23.93 43.18
C PRO A 185 -8.01 24.97 43.02
N PHE A 186 -9.27 24.57 42.92
CA PHE A 186 -10.40 25.52 42.69
C PHE A 186 -11.48 25.31 43.79
N LYS A 187 -11.06 24.94 44.95
CA LYS A 187 -11.98 24.71 46.04
C LYS A 187 -12.95 25.86 46.30
N GLU A 188 -12.43 27.07 46.22
CA GLU A 188 -13.24 28.24 46.45
C GLU A 188 -14.26 28.52 45.40
N LYS A 189 -14.15 27.84 44.27
CA LYS A 189 -15.13 28.00 43.17
C LYS A 189 -16.09 26.87 43.13
N PHE A 190 -15.82 25.79 43.87
CA PHE A 190 -16.64 24.57 43.75
C PHE A 190 -18.12 24.92 43.79
N ALA A 191 -18.59 25.70 44.78
CA ALA A 191 -20.08 25.97 44.91
C ALA A 191 -20.62 26.63 43.63
N SER A 192 -19.88 27.55 43.01
CA SER A 192 -20.38 28.21 41.83
C SER A 192 -20.34 27.37 40.54
N ILE A 193 -19.72 26.18 40.55
CA ILE A 193 -19.47 25.42 39.32
C ILE A 193 -20.73 24.69 39.02
N GLU A 194 -21.24 24.82 37.81
CA GLU A 194 -22.56 24.24 37.47
C GLU A 194 -22.43 22.95 36.70
N MET A 195 -21.26 22.71 36.09
CA MET A 195 -21.08 21.52 35.24
C MET A 195 -19.64 21.09 35.24
N ILE A 196 -19.38 19.81 35.45
CA ILE A 196 -17.99 19.31 35.56
C ILE A 196 -17.89 18.34 34.44
N LEU A 197 -16.90 18.57 33.56
CA LEU A 197 -16.58 17.74 32.49
C LEU A 197 -15.22 17.07 32.69
N SER A 198 -15.06 15.85 32.22
CA SER A 198 -13.71 15.25 32.11
C SER A 198 -13.58 14.19 31.04
N ASN A 199 -12.39 14.06 30.44
CA ASN A 199 -12.03 12.86 29.70
C ASN A 199 -10.84 12.30 30.42
N PRO A 200 -11.13 11.49 31.42
CA PRO A 200 -10.06 11.09 32.33
C PRO A 200 -9.31 9.81 31.83
N PRO A 201 -8.17 9.50 32.44
CA PRO A 201 -7.55 8.19 32.12
C PRO A 201 -8.54 7.09 32.55
N TYR A 202 -8.91 6.26 31.62
CA TYR A 202 -9.77 5.17 32.03
C TYR A 202 -9.33 3.77 31.56
N VAL A 203 -8.04 3.59 31.28
CA VAL A 203 -7.51 2.31 30.75
C VAL A 203 -7.01 1.41 31.90
N LYS A 204 -7.21 0.09 31.83
CA LYS A 204 -6.66 -0.84 32.84
C LYS A 204 -5.18 -0.78 32.67
N SER A 205 -4.48 -0.83 33.79
CA SER A 205 -3.07 -1.08 33.93
C SER A 205 -2.57 -2.33 33.17
N SER A 206 -3.39 -3.37 33.08
CA SER A 206 -3.03 -4.64 32.40
C SER A 206 -3.25 -4.59 30.86
N ALA A 207 -3.93 -3.57 30.37
CA ALA A 207 -4.13 -3.51 28.90
C ALA A 207 -2.78 -3.14 28.22
N HIS A 208 -1.81 -2.72 29.05
CA HIS A 208 -0.44 -2.48 28.59
C HIS A 208 0.53 -3.63 28.88
N LEU A 209 0.85 -4.38 27.84
CA LEU A 209 1.96 -5.35 27.85
C LEU A 209 3.29 -4.58 27.94
N PRO A 210 4.15 -4.83 28.96
CA PRO A 210 5.39 -4.04 29.15
C PRO A 210 6.44 -4.17 28.00
N LYS A 211 6.28 -5.15 27.11
CA LYS A 211 7.09 -5.24 25.87
C LYS A 211 6.83 -4.11 24.84
N ASP A 212 5.59 -3.64 24.80
CA ASP A 212 5.14 -2.62 23.83
C ASP A 212 5.47 -1.20 24.27
N VAL A 213 5.95 -0.38 23.33
CA VAL A 213 6.19 1.05 23.64
C VAL A 213 4.88 1.91 23.94
N LEU A 214 5.06 2.88 24.80
CA LEU A 214 4.02 3.86 25.13
C LEU A 214 4.64 5.18 24.82
N PHE A 215 4.10 6.01 23.96
CA PHE A 215 4.68 7.32 23.78
C PHE A 215 3.92 8.47 24.50
N GLU A 216 2.69 8.21 24.87
CA GLU A 216 1.92 9.21 25.66
C GLU A 216 2.08 8.99 27.18
N PRO A 217 1.95 10.04 27.99
CA PRO A 217 2.24 9.96 29.44
C PRO A 217 1.33 8.96 30.12
N PRO A 218 1.87 8.08 30.92
CA PRO A 218 1.04 7.06 31.49
C PRO A 218 -0.03 7.60 32.48
N GLU A 219 0.18 8.73 33.12
CA GLU A 219 -0.89 9.38 33.97
C GLU A 219 -2.09 9.84 33.12
N ALA A 220 -1.93 9.88 31.80
CA ALA A 220 -3.00 10.37 30.96
C ALA A 220 -3.85 9.21 30.54
N LEU A 221 -3.33 7.99 30.72
CA LEU A 221 -4.06 6.84 30.17
C LEU A 221 -4.67 5.89 31.20
N PHE A 222 -3.99 5.59 32.30
CA PHE A 222 -4.32 4.46 33.15
C PHE A 222 -5.03 4.86 34.42
N GLY A 223 -6.16 4.17 34.70
CA GLY A 223 -6.93 4.28 35.92
C GLY A 223 -6.85 3.11 36.86
N GLY A 224 -5.65 2.72 37.26
CA GLY A 224 -5.43 1.53 38.08
C GLY A 224 -5.84 0.20 37.44
N GLU A 225 -5.94 -0.81 38.28
CA GLU A 225 -6.11 -2.18 37.78
C GLU A 225 -7.43 -2.38 37.07
N ASP A 226 -8.43 -1.85 37.72
CA ASP A 226 -9.80 -1.65 37.25
C ASP A 226 -9.97 -0.80 35.99
N GLY A 227 -9.12 0.23 35.87
CA GLY A 227 -9.38 1.35 35.00
C GLY A 227 -10.38 2.40 35.58
N LEU A 228 -10.76 2.30 36.85
CA LEU A 228 -11.83 3.09 37.37
C LEU A 228 -11.36 3.97 38.49
N ASP A 229 -10.06 3.99 38.80
CA ASP A 229 -9.64 4.78 39.98
C ASP A 229 -10.12 6.27 39.99
N PHE A 230 -10.13 6.87 38.83
CA PHE A 230 -10.38 8.24 38.72
C PHE A 230 -11.83 8.45 39.14
N TYR A 231 -12.73 7.68 38.62
CA TYR A 231 -14.14 7.88 38.89
C TYR A 231 -14.46 7.58 40.38
N ARG A 232 -13.72 6.63 40.97
CA ARG A 232 -13.94 6.22 42.39
C ARG A 232 -13.52 7.29 43.32
N GLU A 233 -12.43 7.91 43.02
CA GLU A 233 -11.98 8.92 43.88
C GLU A 233 -12.84 10.17 43.66
N PHE A 234 -13.25 10.49 42.39
CA PHE A 234 -13.94 11.71 42.13
C PHE A 234 -15.29 11.64 42.87
N PHE A 235 -16.03 10.57 42.71
CA PHE A 235 -17.37 10.45 43.19
C PHE A 235 -17.42 10.13 44.69
N GLY A 236 -16.31 9.69 45.30
CA GLY A 236 -16.13 9.63 46.78
C GLY A 236 -15.70 10.96 47.39
N ARG A 237 -15.16 11.87 46.62
CA ARG A 237 -14.65 13.08 47.22
C ARG A 237 -15.57 14.35 47.04
N TYR A 238 -16.41 14.34 46.01
CA TYR A 238 -17.13 15.51 45.72
C TYR A 238 -18.65 15.29 45.85
N ASP A 239 -19.31 16.21 46.52
CA ASP A 239 -20.76 16.24 46.49
C ASP A 239 -21.29 16.92 45.19
N THR A 240 -22.03 16.25 44.35
CA THR A 240 -22.41 16.86 43.08
C THR A 240 -23.86 17.40 43.04
N SER A 241 -24.45 17.61 44.21
CA SER A 241 -25.82 18.18 44.29
C SER A 241 -25.84 19.44 43.57
N GLY A 242 -26.89 19.63 42.78
CA GLY A 242 -27.09 20.90 42.08
C GLY A 242 -26.27 20.99 40.78
N LYS A 243 -25.51 19.93 40.45
CA LYS A 243 -24.51 20.00 39.40
C LYS A 243 -24.82 18.98 38.31
N ILE A 244 -24.25 19.24 37.14
CA ILE A 244 -24.24 18.25 36.10
C ILE A 244 -22.83 17.70 35.89
N VAL A 245 -22.68 16.37 35.89
CA VAL A 245 -21.36 15.71 35.59
C VAL A 245 -21.46 14.91 34.30
N LEU A 246 -20.59 15.24 33.33
CA LEU A 246 -20.49 14.59 32.06
C LEU A 246 -19.00 14.17 31.77
N MET A 247 -18.74 12.89 31.66
CA MET A 247 -17.40 12.33 31.59
C MET A 247 -17.33 11.16 30.56
N GLU A 248 -16.23 11.16 29.81
CA GLU A 248 -15.95 10.05 28.88
C GLU A 248 -15.58 8.86 29.74
N ILE A 249 -16.06 7.69 29.33
CA ILE A 249 -15.75 6.37 29.91
C ILE A 249 -15.28 5.34 28.87
N GLY A 250 -14.63 4.30 29.36
CA GLY A 250 -14.40 3.08 28.60
C GLY A 250 -15.66 2.37 28.16
N GLU A 251 -15.56 1.83 26.98
CA GLU A 251 -16.38 0.73 26.46
C GLU A 251 -17.10 -0.28 27.41
N ASP A 252 -16.34 -1.00 28.16
CA ASP A 252 -16.93 -2.10 28.93
C ASP A 252 -17.20 -1.73 30.41
N GLN A 253 -17.32 -0.44 30.73
CA GLN A 253 -17.26 -0.02 32.12
C GLN A 253 -18.62 0.33 32.77
N VAL A 254 -19.69 0.31 32.03
CA VAL A 254 -21.06 0.71 32.48
C VAL A 254 -21.55 0.09 33.82
N GLU A 255 -21.56 -1.23 33.82
CA GLU A 255 -22.07 -1.99 34.93
C GLU A 255 -21.22 -1.70 36.16
N GLU A 256 -19.91 -1.70 36.05
CA GLU A 256 -19.10 -1.40 37.21
C GLU A 256 -19.26 0.08 37.65
N LEU A 257 -19.63 0.98 36.73
CA LEU A 257 -19.72 2.40 37.11
C LEU A 257 -20.99 2.60 37.92
N LYS A 258 -22.04 1.88 37.52
CA LYS A 258 -23.24 1.85 38.26
C LYS A 258 -23.06 1.52 39.71
N LYS A 259 -21.94 0.95 40.09
CA LYS A 259 -21.76 0.57 41.45
C LYS A 259 -21.06 1.64 42.22
N ILE A 260 -20.46 2.56 41.49
CA ILE A 260 -19.72 3.70 42.04
C ILE A 260 -20.61 4.91 42.18
N VAL A 261 -21.42 5.17 41.15
CA VAL A 261 -22.38 6.26 41.17
C VAL A 261 -23.72 5.77 40.57
N SER A 262 -24.66 5.44 41.40
CA SER A 262 -25.91 4.91 40.90
C SER A 262 -26.69 6.20 40.56
N ASP A 263 -27.79 6.13 39.86
CA ASP A 263 -28.42 7.40 39.39
C ASP A 263 -27.94 7.94 38.06
N THR A 264 -26.79 7.45 37.60
CA THR A 264 -26.27 7.89 36.33
C THR A 264 -26.99 7.35 35.15
N VAL A 265 -27.04 8.17 34.10
CA VAL A 265 -27.42 7.75 32.76
C VAL A 265 -26.16 7.52 31.87
N PHE A 266 -26.23 6.64 30.88
CA PHE A 266 -25.10 6.43 30.01
C PHE A 266 -25.57 6.66 28.62
N LEU A 267 -24.65 7.16 27.80
CA LEU A 267 -25.00 7.62 26.45
C LEU A 267 -24.09 6.93 25.48
N LYS A 268 -24.67 6.61 24.35
CA LYS A 268 -23.97 5.95 23.26
C LYS A 268 -23.44 7.05 22.34
N ASP A 269 -22.25 6.77 21.77
CA ASP A 269 -21.67 7.62 20.76
C ASP A 269 -22.28 7.33 19.36
N SER A 270 -21.70 7.94 18.32
CA SER A 270 -22.04 7.76 16.90
C SER A 270 -22.02 6.29 16.55
N ALA A 271 -20.90 5.63 16.87
CA ALA A 271 -20.62 4.26 16.51
C ALA A 271 -21.50 3.23 17.24
N GLY A 272 -22.49 3.73 18.01
CA GLY A 272 -23.42 2.88 18.76
C GLY A 272 -22.95 2.27 20.08
N LYS A 273 -21.83 2.71 20.65
CA LYS A 273 -21.42 2.20 21.95
C LYS A 273 -21.39 3.22 23.13
N TYR A 274 -21.40 2.67 24.35
CA TYR A 274 -21.51 3.49 25.58
C TYR A 274 -20.17 4.11 25.93
N ARG A 275 -20.15 5.44 25.96
CA ARG A 275 -18.93 6.21 25.99
C ARG A 275 -19.00 7.37 26.99
N PHE A 276 -20.21 7.81 27.35
CA PHE A 276 -20.30 8.91 28.30
C PHE A 276 -21.19 8.60 29.49
N LEU A 277 -20.77 9.05 30.66
CA LEU A 277 -21.67 9.10 31.79
C LEU A 277 -22.17 10.50 32.04
N LEU A 278 -23.42 10.57 32.53
CA LEU A 278 -24.20 11.81 32.69
C LEU A 278 -25.04 11.72 33.91
N LEU A 279 -24.75 12.60 34.85
CA LEU A 279 -25.41 12.64 36.14
C LEU A 279 -25.89 14.06 36.24
N ASN A 280 -27.16 14.27 36.00
CA ASN A 280 -27.78 15.56 36.06
C ASN A 280 -28.55 15.70 37.38
N ARG A 281 -27.97 16.46 38.31
CA ARG A 281 -28.61 16.78 39.58
C ARG A 281 -28.88 18.31 39.74
N ARG A 282 -29.09 18.97 38.59
CA ARG A 282 -29.45 20.39 38.55
C ARG A 282 -30.88 20.55 39.01
N SER A 283 -31.17 21.46 39.92
CA SER A 283 -32.63 21.52 40.28
C SER A 283 -33.51 22.34 39.30
N SER A 284 -34.83 22.24 39.46
CA SER A 284 -35.79 23.43 39.34
C SER A 284 -35.94 24.31 40.64
N LYS B 15 33.06 11.57 -18.85
CA LYS B 15 33.85 10.76 -19.83
C LYS B 15 33.34 9.30 -20.05
N ILE B 16 32.50 8.76 -19.13
CA ILE B 16 31.86 7.40 -19.23
C ILE B 16 30.89 7.02 -18.09
N TRP B 17 31.36 7.08 -16.85
CA TRP B 17 30.49 6.88 -15.72
C TRP B 17 29.61 8.13 -15.61
N SER B 18 30.23 9.26 -15.94
CA SER B 18 29.53 10.51 -16.15
C SER B 18 28.33 10.25 -17.04
N LEU B 19 28.60 9.59 -18.17
CA LEU B 19 27.60 9.33 -19.24
C LEU B 19 26.43 8.45 -18.80
N ILE B 20 26.81 7.37 -18.13
CA ILE B 20 25.90 6.43 -17.48
C ILE B 20 24.92 7.15 -16.55
N ARG B 21 25.47 8.05 -15.74
CA ARG B 21 24.65 8.93 -14.88
C ARG B 21 23.70 9.85 -15.68
N ASP B 22 24.14 10.60 -16.69
CA ASP B 22 23.20 11.50 -17.46
C ASP B 22 22.17 10.74 -18.28
N CYS B 23 22.53 9.50 -18.63
CA CYS B 23 21.67 8.67 -19.41
C CYS B 23 20.61 8.09 -18.48
N SER B 24 20.93 7.84 -17.20
CA SER B 24 19.94 7.25 -16.28
C SER B 24 18.78 8.22 -16.14
N GLY B 25 19.13 9.50 -16.25
CA GLY B 25 18.15 10.58 -16.28
C GLY B 25 17.07 10.37 -17.28
N LYS B 26 17.45 10.21 -18.57
CA LYS B 26 16.44 10.28 -19.63
C LYS B 26 15.57 9.06 -19.70
N LEU B 27 15.68 8.15 -18.74
CA LEU B 27 14.82 6.95 -18.75
C LEU B 27 13.78 6.85 -17.60
N GLU B 28 13.92 7.65 -16.53
CA GLU B 28 12.87 7.74 -15.46
C GLU B 28 11.58 8.18 -16.15
N GLY B 29 10.79 7.22 -16.64
CA GLY B 29 9.81 7.53 -17.68
C GLY B 29 9.37 6.27 -18.36
N VAL B 30 10.26 5.27 -18.44
CA VAL B 30 9.94 3.94 -19.01
C VAL B 30 10.21 2.75 -18.10
N THR B 31 10.70 3.02 -16.90
CA THR B 31 11.37 1.95 -16.16
C THR B 31 11.62 2.30 -14.76
N GLU B 32 11.44 1.23 -13.98
CA GLU B 32 11.83 1.12 -12.60
C GLU B 32 13.38 1.09 -12.43
N THR B 33 14.13 0.70 -13.47
CA THR B 33 15.55 0.45 -13.22
C THR B 33 16.51 1.15 -14.12
N SER B 34 16.53 2.47 -14.12
CA SER B 34 17.16 3.15 -15.24
C SER B 34 18.75 3.02 -15.28
N VAL B 35 19.43 3.14 -14.17
CA VAL B 35 20.85 2.95 -14.16
C VAL B 35 21.18 1.58 -14.75
N LEU B 36 20.47 0.57 -14.31
CA LEU B 36 20.66 -0.76 -14.79
C LEU B 36 20.53 -0.86 -16.30
N GLU B 37 19.50 -0.25 -16.82
CA GLU B 37 19.21 -0.45 -18.24
C GLU B 37 20.26 0.18 -19.09
N VAL B 38 20.73 1.32 -18.57
CA VAL B 38 21.77 2.11 -19.16
C VAL B 38 23.08 1.35 -19.18
N LEU B 39 23.38 0.70 -18.07
CA LEU B 39 24.56 -0.13 -17.95
C LEU B 39 24.51 -1.27 -18.99
N LEU B 40 23.34 -1.85 -19.21
CA LEU B 40 23.20 -3.00 -20.05
C LEU B 40 23.31 -2.51 -21.49
N ILE B 41 22.68 -1.40 -21.77
CA ILE B 41 22.86 -0.80 -23.10
C ILE B 41 24.37 -0.44 -23.44
N VAL B 42 25.16 -0.01 -22.43
CA VAL B 42 26.54 0.37 -22.64
C VAL B 42 27.37 -0.84 -22.99
N SER B 43 27.09 -1.96 -22.31
CA SER B 43 27.74 -3.25 -22.46
C SER B 43 27.50 -3.78 -23.81
N ARG B 44 26.28 -3.62 -24.27
CA ARG B 44 25.87 -4.13 -25.54
C ARG B 44 26.63 -3.39 -26.67
N VAL B 45 26.73 -2.06 -26.59
CA VAL B 45 27.35 -1.31 -27.67
C VAL B 45 28.84 -1.47 -27.64
N LEU B 46 29.45 -1.58 -26.45
CA LEU B 46 30.90 -1.71 -26.32
C LEU B 46 31.37 -3.08 -26.74
N GLY B 47 30.47 -4.06 -26.77
CA GLY B 47 30.82 -5.44 -27.05
C GLY B 47 31.55 -6.12 -25.92
N ILE B 48 31.19 -5.81 -24.67
CA ILE B 48 31.79 -6.37 -23.47
C ILE B 48 30.78 -6.96 -22.48
N ARG B 49 31.30 -7.67 -21.51
CA ARG B 49 30.48 -8.39 -20.52
C ARG B 49 30.26 -7.35 -19.45
N LYS B 50 29.15 -7.39 -18.74
CA LYS B 50 28.86 -6.49 -17.59
C LYS B 50 30.05 -6.20 -16.69
N GLU B 51 30.74 -7.27 -16.35
CA GLU B 51 31.66 -7.22 -15.24
C GLU B 51 32.93 -6.40 -15.66
N ASP B 52 33.03 -6.08 -16.93
CA ASP B 52 34.06 -5.19 -17.41
C ASP B 52 33.80 -3.69 -17.31
N LEU B 53 32.62 -3.34 -16.79
CA LEU B 53 32.21 -1.98 -16.70
C LEU B 53 33.07 -1.27 -15.64
N PHE B 54 33.69 -2.05 -14.78
CA PHE B 54 34.38 -1.52 -13.63
C PHE B 54 35.71 -0.72 -13.73
N LEU B 55 36.90 -1.33 -13.80
CA LEU B 55 37.52 -2.22 -14.81
C LEU B 55 38.06 -1.43 -15.98
N LEU B 58 38.17 2.73 -17.94
CA LEU B 58 37.68 2.57 -19.31
C LEU B 58 36.95 3.80 -19.85
N GLY B 59 36.63 3.75 -21.13
CA GLY B 59 35.88 4.80 -21.77
C GLY B 59 35.33 4.42 -23.13
N VAL B 60 34.91 5.41 -23.89
CA VAL B 60 34.11 5.13 -25.08
C VAL B 60 34.52 5.95 -26.31
N SER B 61 34.76 5.22 -27.40
CA SER B 61 34.88 5.76 -28.76
C SER B 61 33.83 6.88 -28.89
N PRO B 62 34.09 8.03 -29.53
CA PRO B 62 32.98 8.98 -29.71
C PRO B 62 31.83 8.52 -30.65
N THR B 63 32.01 7.43 -31.42
CA THR B 63 30.95 6.71 -32.19
C THR B 63 30.16 5.81 -31.19
N GLU B 64 30.87 5.26 -30.20
CA GLU B 64 30.24 4.55 -29.15
C GLU B 64 29.35 5.48 -28.31
N GLU B 65 29.83 6.69 -27.98
CA GLU B 65 29.08 7.64 -27.17
C GLU B 65 27.76 7.91 -27.88
N LYS B 66 27.86 8.05 -29.18
CA LYS B 66 26.76 8.48 -30.02
C LYS B 66 25.71 7.37 -30.21
N ARG B 67 26.21 6.14 -30.45
CA ARG B 67 25.40 4.91 -30.47
C ARG B 67 24.57 4.70 -29.13
N ILE B 68 25.21 4.88 -27.98
CA ILE B 68 24.59 4.85 -26.68
C ILE B 68 23.49 5.88 -26.45
N LEU B 69 23.77 7.15 -26.76
CA LEU B 69 22.76 8.21 -26.66
C LEU B 69 21.61 7.90 -27.59
N GLU B 70 21.89 7.40 -28.76
CA GLU B 70 20.84 6.98 -29.69
C GLU B 70 20.01 5.78 -29.18
N LEU B 71 20.65 4.81 -28.56
CA LEU B 71 19.87 3.61 -28.12
C LEU B 71 19.08 4.01 -26.87
N VAL B 72 19.65 4.88 -26.05
CA VAL B 72 18.99 5.48 -24.90
C VAL B 72 17.72 6.33 -25.22
N GLU B 73 17.79 7.10 -26.29
CA GLU B 73 16.66 7.81 -26.83
C GLU B 73 15.59 6.88 -27.32
N LYS B 74 16.01 5.91 -28.11
CA LYS B 74 15.10 4.93 -28.64
C LYS B 74 14.46 4.16 -27.49
N ARG B 75 15.17 4.07 -26.37
CA ARG B 75 14.59 3.41 -25.24
C ARG B 75 13.59 4.31 -24.50
N ALA B 76 13.84 5.58 -24.36
CA ALA B 76 12.88 6.48 -23.67
C ALA B 76 11.59 6.59 -24.48
N SER B 77 11.61 5.97 -25.66
CA SER B 77 10.43 5.78 -26.49
C SER B 77 9.59 4.46 -26.15
N GLY B 78 10.01 3.66 -25.17
CA GLY B 78 9.33 2.41 -24.84
C GLY B 78 9.57 1.33 -25.86
N TYR B 79 10.42 1.62 -26.85
CA TYR B 79 10.98 0.48 -27.50
C TYR B 79 11.55 -0.43 -26.33
N PRO B 80 11.31 -1.72 -26.44
CA PRO B 80 11.89 -2.74 -25.53
C PRO B 80 13.42 -2.93 -25.49
N LEU B 81 13.85 -2.93 -24.25
CA LEU B 81 15.19 -3.01 -23.90
C LEU B 81 15.75 -4.21 -24.55
N HIS B 82 14.94 -5.28 -24.59
CA HIS B 82 15.47 -6.53 -25.03
C HIS B 82 15.59 -6.66 -26.48
N TYR B 83 14.85 -5.84 -27.22
CA TYR B 83 15.22 -5.66 -28.69
C TYR B 83 16.60 -5.04 -28.89
N ILE B 84 16.87 -3.99 -28.12
CA ILE B 84 18.18 -3.32 -28.16
C ILE B 84 19.27 -4.35 -27.77
N LEU B 85 19.00 -5.11 -26.67
CA LEU B 85 19.94 -6.07 -26.19
C LEU B 85 20.07 -7.20 -27.17
N GLY B 86 18.99 -7.49 -27.91
CA GLY B 86 18.96 -8.67 -28.80
C GLY B 86 18.76 -10.08 -28.18
N GLU B 87 18.40 -10.07 -26.90
CA GLU B 87 18.48 -11.23 -25.99
C GLU B 87 17.47 -11.09 -24.83
N LYS B 88 16.96 -12.22 -24.38
CA LYS B 88 16.09 -12.27 -23.16
C LYS B 88 16.31 -13.64 -22.50
N GLU B 89 16.39 -13.57 -21.20
CA GLU B 89 16.79 -14.68 -20.42
C GLU B 89 15.48 -15.33 -19.98
N PHE B 90 15.32 -16.61 -20.22
CA PHE B 90 14.04 -17.26 -19.83
C PHE B 90 14.38 -18.63 -19.38
N MET B 91 13.89 -18.97 -18.19
CA MET B 91 14.29 -20.26 -17.53
C MET B 91 15.80 -20.48 -17.45
N GLY B 92 16.59 -19.46 -17.13
CA GLY B 92 18.06 -19.62 -17.15
C GLY B 92 18.72 -19.72 -18.48
N LEU B 93 17.96 -19.59 -19.57
CA LEU B 93 18.49 -19.71 -20.92
C LEU B 93 18.40 -18.36 -21.62
N SER B 94 19.31 -18.08 -22.53
CA SER B 94 19.20 -16.82 -23.28
C SER B 94 18.50 -17.06 -24.67
N PHE B 95 17.40 -16.33 -24.89
CA PHE B 95 16.63 -16.39 -26.12
C PHE B 95 16.86 -15.14 -26.94
N LEU B 96 17.44 -15.29 -28.11
CA LEU B 96 17.42 -14.25 -29.15
C LEU B 96 16.05 -13.76 -29.38
N VAL B 97 15.85 -12.46 -29.14
CA VAL B 97 14.63 -11.75 -29.56
C VAL B 97 14.90 -10.47 -30.45
N GLU B 98 13.92 -10.05 -31.25
CA GLU B 98 14.08 -8.97 -32.25
C GLU B 98 12.72 -8.54 -32.70
N GLU B 99 12.68 -7.40 -33.36
CA GLU B 99 11.42 -6.80 -33.77
C GLU B 99 10.48 -7.84 -34.40
N GLY B 100 9.22 -7.80 -33.97
CA GLY B 100 8.24 -8.74 -34.49
C GLY B 100 8.06 -9.99 -33.66
N VAL B 101 8.72 -10.11 -32.50
CA VAL B 101 8.65 -11.25 -31.64
C VAL B 101 8.22 -10.86 -30.26
N PHE B 102 7.20 -11.47 -29.70
CA PHE B 102 6.91 -11.31 -28.26
C PHE B 102 8.10 -11.68 -27.41
N VAL B 103 8.29 -10.90 -26.35
CA VAL B 103 9.49 -11.11 -25.57
C VAL B 103 9.04 -11.95 -24.41
N PRO B 104 9.67 -13.09 -24.18
CA PRO B 104 9.27 -13.97 -23.05
C PRO B 104 9.13 -13.22 -21.70
N ARG B 105 8.08 -13.50 -20.97
CA ARG B 105 7.81 -12.92 -19.65
C ARG B 105 8.07 -13.95 -18.53
N PRO B 106 8.44 -13.50 -17.33
CA PRO B 106 8.76 -14.40 -16.18
C PRO B 106 7.64 -15.28 -15.76
N GLU B 107 6.44 -14.74 -15.85
CA GLU B 107 5.29 -15.45 -15.41
C GLU B 107 5.12 -16.80 -16.20
N THR B 108 5.57 -16.83 -17.47
CA THR B 108 5.47 -18.07 -18.27
C THR B 108 6.43 -19.16 -17.85
N GLU B 109 7.41 -18.81 -17.07
CA GLU B 109 8.38 -19.79 -16.55
C GLU B 109 7.67 -20.76 -15.64
N GLU B 110 6.61 -20.31 -14.98
CA GLU B 110 5.85 -21.20 -14.12
C GLU B 110 5.06 -22.25 -14.87
N LEU B 111 4.55 -21.87 -16.05
CA LEU B 111 3.89 -22.76 -16.97
C LEU B 111 4.87 -23.81 -17.32
N VAL B 112 6.11 -23.44 -17.60
CA VAL B 112 7.12 -24.45 -17.96
C VAL B 112 7.40 -25.39 -16.81
N GLU B 113 7.51 -24.89 -15.56
CA GLU B 113 7.84 -25.77 -14.44
C GLU B 113 6.67 -26.71 -14.26
N LEU B 114 5.42 -26.18 -14.35
CA LEU B 114 4.28 -27.08 -14.28
C LEU B 114 4.23 -28.15 -15.36
N ALA B 115 4.68 -27.83 -16.56
CA ALA B 115 4.62 -28.80 -17.62
C ALA B 115 5.66 -29.87 -17.41
N LEU B 116 6.86 -29.48 -16.98
CA LEU B 116 7.93 -30.42 -16.72
C LEU B 116 7.53 -31.42 -15.59
N GLU B 117 7.02 -30.90 -14.49
CA GLU B 117 6.42 -31.76 -13.47
C GLU B 117 5.43 -32.82 -14.12
N LEU B 118 4.44 -32.39 -14.90
CA LEU B 118 3.53 -33.32 -15.56
C LEU B 118 4.23 -34.32 -16.52
N ILE B 119 5.23 -33.85 -17.22
CA ILE B 119 6.02 -34.73 -18.10
C ILE B 119 6.74 -35.86 -17.31
N ARG B 120 7.26 -35.48 -16.13
CA ARG B 120 8.01 -36.42 -15.22
C ARG B 120 6.96 -37.37 -14.64
N LYS B 121 5.91 -36.80 -14.12
CA LYS B 121 4.85 -37.56 -13.51
C LYS B 121 4.27 -38.67 -14.42
N TYR B 122 4.14 -38.41 -15.75
CA TYR B 122 3.52 -39.36 -16.67
C TYR B 122 4.42 -39.95 -17.67
N GLY B 123 5.71 -39.62 -17.76
CA GLY B 123 6.48 -40.15 -18.85
C GLY B 123 6.03 -39.69 -20.27
N ILE B 124 5.61 -38.42 -20.40
CA ILE B 124 5.08 -37.90 -21.65
C ILE B 124 6.22 -37.79 -22.58
N LYS B 125 6.02 -38.15 -23.83
CA LYS B 125 7.09 -38.00 -24.81
C LYS B 125 6.85 -36.98 -25.94
N THR B 126 5.61 -36.60 -26.20
CA THR B 126 5.29 -35.70 -27.32
C THR B 126 4.45 -34.51 -26.86
N VAL B 127 4.96 -33.33 -27.08
CA VAL B 127 4.39 -32.08 -26.57
C VAL B 127 4.16 -31.10 -27.70
N ALA B 128 3.17 -30.21 -27.57
CA ALA B 128 2.96 -29.17 -28.57
C ALA B 128 3.02 -27.85 -27.87
N ASP B 129 3.50 -26.84 -28.59
CA ASP B 129 3.57 -25.43 -28.13
C ASP B 129 2.97 -24.58 -29.22
N ILE B 130 1.72 -24.15 -29.00
CA ILE B 130 0.97 -23.27 -29.88
C ILE B 130 1.31 -21.81 -29.61
N GLY B 131 1.77 -21.14 -30.67
CA GLY B 131 2.18 -19.76 -30.62
C GLY B 131 3.46 -19.61 -29.89
N THR B 132 4.47 -20.21 -30.48
CA THR B 132 5.70 -20.42 -29.78
C THR B 132 6.53 -19.13 -29.63
N GLY B 133 6.23 -18.07 -30.43
CA GLY B 133 6.99 -16.77 -30.38
C GLY B 133 8.50 -17.04 -30.51
N SER B 134 9.27 -16.67 -29.48
CA SER B 134 10.70 -16.89 -29.47
C SER B 134 11.11 -18.35 -29.37
N GLY B 135 10.18 -19.21 -28.93
CA GLY B 135 10.51 -20.62 -28.68
C GLY B 135 10.55 -20.86 -27.19
N ALA B 136 10.30 -19.85 -26.36
CA ALA B 136 10.62 -19.90 -24.92
C ALA B 136 10.09 -21.18 -24.26
N ILE B 137 8.77 -21.41 -24.35
CA ILE B 137 8.17 -22.64 -23.82
C ILE B 137 8.73 -23.92 -24.41
N GLY B 138 8.53 -24.16 -25.69
CA GLY B 138 8.93 -25.40 -26.29
C GLY B 138 10.41 -25.75 -26.19
N VAL B 139 11.23 -24.75 -26.39
CA VAL B 139 12.66 -25.01 -26.44
C VAL B 139 13.10 -25.36 -24.99
N SER B 140 12.50 -24.71 -23.97
CA SER B 140 12.80 -24.95 -22.53
C SER B 140 12.36 -26.36 -22.21
N VAL B 141 11.20 -26.77 -22.68
CA VAL B 141 10.74 -28.10 -22.39
C VAL B 141 11.67 -29.17 -22.95
N ALA B 142 12.16 -28.91 -24.15
CA ALA B 142 13.09 -29.82 -24.82
C ALA B 142 14.48 -29.77 -24.23
N LYS B 143 14.98 -28.59 -23.91
CA LYS B 143 16.19 -28.52 -23.11
C LYS B 143 16.15 -29.36 -21.82
N PHE B 144 15.05 -29.32 -21.08
CA PHE B 144 15.05 -29.81 -19.70
C PHE B 144 14.31 -31.12 -19.57
N SER B 145 14.03 -31.79 -20.66
CA SER B 145 13.31 -33.07 -20.53
C SER B 145 13.70 -33.88 -21.74
N ASP B 146 13.18 -35.08 -21.92
CA ASP B 146 13.45 -35.79 -23.21
C ASP B 146 12.30 -35.75 -24.20
N ALA B 147 11.27 -34.87 -24.01
CA ALA B 147 10.14 -34.78 -24.90
C ALA B 147 10.55 -34.22 -26.24
N ILE B 148 9.82 -34.63 -27.27
CA ILE B 148 9.91 -33.93 -28.52
C ILE B 148 8.72 -32.93 -28.58
N VAL B 149 8.97 -31.71 -29.12
CA VAL B 149 8.06 -30.59 -29.18
C VAL B 149 7.78 -30.22 -30.63
N PHE B 150 6.48 -30.22 -30.95
CA PHE B 150 5.93 -29.66 -32.15
C PHE B 150 5.38 -28.23 -31.87
N ALA B 151 5.95 -27.22 -32.51
CA ALA B 151 5.64 -25.80 -32.25
C ALA B 151 5.10 -25.02 -33.50
N THR B 152 4.16 -24.10 -33.28
CA THR B 152 3.57 -23.34 -34.33
C THR B 152 3.52 -21.85 -33.98
N ASP B 153 3.43 -21.07 -35.03
CA ASP B 153 3.12 -19.63 -34.89
C ASP B 153 2.67 -19.15 -36.27
N VAL B 154 1.66 -18.30 -36.24
CA VAL B 154 1.20 -17.59 -37.44
C VAL B 154 2.16 -16.61 -37.98
N SER B 155 3.05 -16.13 -37.13
CA SER B 155 4.10 -15.21 -37.64
C SER B 155 5.34 -15.84 -38.14
N SER B 156 5.70 -15.71 -39.42
CA SER B 156 7.03 -16.02 -39.96
C SER B 156 8.29 -15.64 -39.20
N LYS B 157 8.27 -14.45 -38.62
CA LYS B 157 9.42 -14.00 -37.85
C LYS B 157 9.59 -14.88 -36.55
N ALA B 158 8.44 -15.23 -35.91
CA ALA B 158 8.42 -16.18 -34.75
C ALA B 158 9.10 -17.44 -35.17
N VAL B 159 8.63 -17.99 -36.27
CA VAL B 159 9.15 -19.26 -36.72
C VAL B 159 10.68 -19.21 -36.85
N GLU B 160 11.20 -18.20 -37.50
CA GLU B 160 12.65 -18.15 -37.86
C GLU B 160 13.50 -18.14 -36.55
N ILE B 161 13.05 -17.31 -35.64
CA ILE B 161 13.71 -17.06 -34.36
C ILE B 161 13.63 -18.24 -33.40
N ALA B 162 12.54 -18.99 -33.46
CA ALA B 162 12.36 -20.14 -32.63
C ALA B 162 13.29 -21.22 -33.08
N ARG B 163 13.42 -21.44 -34.39
CA ARG B 163 14.38 -22.46 -34.93
C ARG B 163 15.81 -22.08 -34.61
N LYS B 164 16.15 -20.83 -34.80
CA LYS B 164 17.44 -20.29 -34.25
C LYS B 164 17.64 -20.47 -32.73
N ASN B 165 16.64 -20.12 -31.92
CA ASN B 165 16.71 -20.47 -30.46
C ASN B 165 16.83 -21.96 -30.18
N ALA B 166 16.18 -22.78 -30.97
CA ALA B 166 16.41 -24.22 -30.77
C ALA B 166 17.84 -24.66 -31.06
N GLU B 167 18.39 -24.20 -32.17
CA GLU B 167 19.73 -24.62 -32.61
C GLU B 167 20.81 -24.16 -31.59
N ARG B 168 20.60 -22.97 -31.09
CA ARG B 168 21.45 -22.41 -30.11
C ARG B 168 21.47 -23.11 -28.71
N HIS B 169 20.46 -23.92 -28.42
CA HIS B 169 20.47 -24.66 -27.18
C HIS B 169 20.49 -26.11 -27.41
N GLY B 170 20.91 -26.54 -28.62
CA GLY B 170 21.12 -27.96 -28.95
C GLY B 170 19.96 -28.96 -29.00
N VAL B 171 18.77 -28.43 -29.19
CA VAL B 171 17.53 -29.25 -29.24
C VAL B 171 16.84 -29.21 -30.58
N SER B 172 17.60 -28.95 -31.64
CA SER B 172 17.07 -28.92 -33.00
C SER B 172 16.53 -30.23 -33.46
N ASP B 173 16.99 -31.34 -32.88
CA ASP B 173 16.50 -32.66 -33.24
C ASP B 173 15.29 -33.09 -32.38
N ARG B 174 14.80 -32.22 -31.50
CA ARG B 174 13.67 -32.53 -30.63
C ARG B 174 12.64 -31.37 -30.61
N PHE B 175 12.89 -30.31 -31.35
CA PHE B 175 12.00 -29.16 -31.41
C PHE B 175 11.81 -28.78 -32.86
N PHE B 176 10.56 -28.85 -33.33
CA PHE B 176 10.23 -28.62 -34.74
C PHE B 176 9.16 -27.61 -34.83
N VAL B 177 9.31 -26.58 -35.64
CA VAL B 177 8.34 -25.48 -35.64
C VAL B 177 7.86 -25.28 -37.01
N ARG B 178 6.55 -25.08 -37.16
CA ARG B 178 5.97 -24.80 -38.50
C ARG B 178 5.04 -23.61 -38.49
N LYS B 179 5.01 -22.86 -39.58
CA LYS B 179 4.12 -21.68 -39.69
C LYS B 179 2.67 -22.09 -39.87
N GLY B 180 1.74 -21.44 -39.15
CA GLY B 180 0.32 -21.80 -39.20
C GLY B 180 -0.38 -21.55 -37.89
N GLU B 181 -1.68 -21.78 -37.88
CA GLU B 181 -2.44 -21.54 -36.73
C GLU B 181 -2.78 -22.76 -35.98
N PHE B 182 -2.90 -22.56 -34.67
CA PHE B 182 -3.13 -23.64 -33.76
C PHE B 182 -2.23 -24.85 -34.05
N LEU B 183 -2.83 -26.00 -34.33
CA LEU B 183 -2.06 -27.19 -34.65
C LEU B 183 -2.22 -27.64 -36.13
N GLU B 184 -2.78 -26.80 -36.99
CA GLU B 184 -3.05 -27.16 -38.39
C GLU B 184 -1.80 -27.50 -39.19
N PRO B 185 -0.62 -26.93 -38.95
CA PRO B 185 0.53 -27.46 -39.67
C PRO B 185 0.93 -28.85 -39.26
N PHE B 186 0.30 -29.40 -38.21
CA PHE B 186 0.72 -30.61 -37.54
C PHE B 186 -0.43 -31.58 -37.41
N LYS B 187 -1.35 -31.50 -38.35
CA LYS B 187 -2.51 -32.37 -38.30
C LYS B 187 -2.20 -33.93 -38.29
N GLU B 188 -1.20 -34.34 -39.13
CA GLU B 188 -0.72 -35.74 -39.07
C GLU B 188 -0.17 -36.17 -37.72
N LYS B 189 0.24 -35.22 -36.88
CA LYS B 189 0.75 -35.57 -35.53
C LYS B 189 -0.25 -35.44 -34.46
N PHE B 190 -1.42 -34.91 -34.78
CA PHE B 190 -2.37 -34.55 -33.70
C PHE B 190 -2.58 -35.69 -32.75
N ALA B 191 -2.84 -36.87 -33.30
CA ALA B 191 -3.26 -38.01 -32.47
C ALA B 191 -2.20 -38.42 -31.47
N SER B 192 -0.97 -38.37 -31.90
CA SER B 192 0.17 -38.73 -31.10
C SER B 192 0.56 -37.64 -30.07
N ILE B 193 0.02 -36.44 -30.14
CA ILE B 193 0.47 -35.34 -29.21
C ILE B 193 -0.18 -35.62 -27.88
N GLU B 194 0.60 -35.69 -26.82
CA GLU B 194 0.10 -36.00 -25.45
C GLU B 194 -0.21 -34.84 -24.54
N MET B 195 0.42 -33.70 -24.85
CA MET B 195 0.22 -32.46 -24.07
C MET B 195 0.34 -31.27 -24.93
N ILE B 196 -0.59 -30.35 -24.78
CA ILE B 196 -0.62 -29.15 -25.53
C ILE B 196 -0.46 -27.97 -24.62
N LEU B 197 0.51 -27.13 -24.94
CA LEU B 197 0.87 -26.00 -24.12
C LEU B 197 0.70 -24.74 -24.99
N SER B 198 0.26 -23.63 -24.38
CA SER B 198 0.22 -22.32 -25.00
C SER B 198 0.31 -21.22 -23.98
N ASN B 199 0.97 -20.10 -24.40
CA ASN B 199 0.80 -18.83 -23.76
C ASN B 199 0.25 -17.95 -24.83
N PRO B 200 -1.08 -17.93 -25.03
CA PRO B 200 -1.61 -17.30 -26.25
C PRO B 200 -1.89 -15.82 -26.04
N PRO B 201 -2.25 -15.04 -27.04
CA PRO B 201 -2.73 -13.67 -26.78
C PRO B 201 -4.00 -13.67 -26.00
N TYR B 202 -3.98 -13.12 -24.80
CA TYR B 202 -5.19 -13.11 -24.01
C TYR B 202 -5.70 -11.70 -23.51
N VAL B 203 -5.11 -10.64 -24.01
CA VAL B 203 -5.62 -9.29 -23.65
C VAL B 203 -6.88 -8.83 -24.41
N LYS B 204 -7.87 -8.39 -23.63
CA LYS B 204 -9.07 -7.64 -24.11
C LYS B 204 -8.71 -6.50 -25.12
N SER B 205 -9.47 -6.35 -26.20
CA SER B 205 -9.12 -5.30 -27.21
C SER B 205 -9.36 -3.85 -26.69
N SER B 206 -10.16 -3.67 -25.64
CA SER B 206 -10.40 -2.31 -25.05
C SER B 206 -9.55 -2.00 -23.77
N ALA B 207 -8.85 -3.02 -23.27
CA ALA B 207 -7.91 -2.86 -22.16
C ALA B 207 -6.81 -1.93 -22.68
N HIS B 208 -6.22 -1.14 -21.77
CA HIS B 208 -5.15 -0.16 -22.09
C HIS B 208 -3.79 -0.83 -21.72
N LEU B 209 -2.96 -1.12 -22.72
CA LEU B 209 -1.69 -1.85 -22.48
C LEU B 209 -0.56 -0.91 -22.07
N PRO B 210 0.37 -1.32 -21.15
CA PRO B 210 1.56 -0.49 -20.87
C PRO B 210 2.34 -0.02 -22.15
N LYS B 211 2.93 1.21 -22.05
CA LYS B 211 3.56 1.90 -23.19
C LYS B 211 4.46 0.93 -23.95
N ASP B 212 5.44 0.40 -23.20
CA ASP B 212 6.43 -0.57 -23.71
C ASP B 212 5.73 -1.68 -24.56
N VAL B 213 4.63 -2.27 -24.03
CA VAL B 213 3.95 -3.38 -24.71
C VAL B 213 3.07 -3.05 -26.00
N LEU B 214 2.87 -1.80 -26.48
CA LEU B 214 2.80 -1.77 -28.00
C LEU B 214 3.87 -1.20 -28.83
N PHE B 215 5.04 -1.82 -28.67
CA PHE B 215 5.96 -1.94 -29.78
C PHE B 215 6.06 -3.40 -30.20
N GLU B 216 5.33 -4.30 -29.52
CA GLU B 216 5.36 -5.78 -29.84
C GLU B 216 4.24 -6.09 -30.79
N PRO B 217 4.35 -7.13 -31.62
CA PRO B 217 3.30 -7.44 -32.63
C PRO B 217 1.94 -7.61 -31.94
N PRO B 218 0.90 -6.93 -32.43
CA PRO B 218 -0.42 -7.01 -31.80
C PRO B 218 -1.09 -8.40 -31.98
N GLU B 219 -0.67 -9.21 -32.95
CA GLU B 219 -1.16 -10.63 -33.00
C GLU B 219 -0.67 -11.42 -31.75
N ALA B 220 0.47 -10.99 -31.17
CA ALA B 220 1.01 -11.64 -29.98
C ALA B 220 0.22 -11.28 -28.72
N LEU B 221 -0.67 -10.30 -28.78
CA LEU B 221 -1.32 -9.81 -27.56
C LEU B 221 -2.85 -9.92 -27.43
N PHE B 222 -3.57 -9.56 -28.50
CA PHE B 222 -5.03 -9.33 -28.42
C PHE B 222 -5.84 -10.61 -28.73
N GLY B 223 -6.88 -10.78 -27.92
CA GLY B 223 -7.71 -11.93 -27.80
C GLY B 223 -9.16 -11.65 -27.96
N GLY B 224 -9.48 -10.66 -28.77
CA GLY B 224 -10.84 -10.08 -28.88
C GLY B 224 -11.38 -9.31 -27.68
N GLU B 225 -12.65 -8.98 -27.74
CA GLU B 225 -13.35 -8.10 -26.77
C GLU B 225 -13.14 -8.55 -25.34
N ASP B 226 -13.53 -9.79 -25.12
CA ASP B 226 -13.24 -10.63 -23.94
C ASP B 226 -11.73 -10.74 -23.61
N GLY B 227 -10.90 -10.83 -24.65
CA GLY B 227 -9.59 -11.49 -24.51
C GLY B 227 -9.57 -13.04 -24.70
N LEU B 228 -10.71 -13.64 -25.01
CA LEU B 228 -10.82 -15.05 -24.98
C LEU B 228 -11.05 -15.70 -26.36
N ASP B 229 -10.83 -14.99 -27.44
CA ASP B 229 -11.03 -15.60 -28.72
C ASP B 229 -10.20 -16.91 -28.89
N PHE B 230 -8.88 -16.88 -28.53
CA PHE B 230 -8.03 -17.99 -28.78
C PHE B 230 -8.61 -19.24 -28.17
N TYR B 231 -9.08 -19.10 -26.95
CA TYR B 231 -9.57 -20.22 -26.25
C TYR B 231 -10.88 -20.77 -26.85
N ARG B 232 -11.80 -19.90 -27.23
CA ARG B 232 -13.09 -20.36 -27.83
C ARG B 232 -12.85 -21.18 -29.12
N GLU B 233 -11.94 -20.68 -29.92
CA GLU B 233 -11.63 -21.29 -31.20
C GLU B 233 -10.84 -22.60 -30.99
N PHE B 234 -9.84 -22.65 -30.10
CA PHE B 234 -9.06 -23.84 -29.88
C PHE B 234 -9.99 -24.93 -29.30
N PHE B 235 -10.68 -24.65 -28.22
CA PHE B 235 -11.58 -25.66 -27.63
C PHE B 235 -12.79 -26.03 -28.49
N GLY B 236 -13.19 -25.11 -29.34
CA GLY B 236 -14.28 -25.39 -30.23
C GLY B 236 -13.84 -26.34 -31.30
N ARG B 237 -12.56 -26.31 -31.71
CA ARG B 237 -12.10 -26.98 -32.90
C ARG B 237 -11.39 -28.32 -32.68
N TYR B 238 -10.76 -28.52 -31.51
CA TYR B 238 -9.99 -29.69 -31.25
C TYR B 238 -10.59 -30.58 -30.18
N ASP B 239 -10.54 -31.87 -30.42
CA ASP B 239 -10.98 -32.84 -29.44
C ASP B 239 -9.73 -33.27 -28.61
N THR B 240 -9.79 -32.99 -27.32
CA THR B 240 -8.70 -33.13 -26.41
C THR B 240 -8.71 -34.38 -25.59
N SER B 241 -9.57 -35.34 -25.95
CA SER B 241 -9.65 -36.64 -25.19
C SER B 241 -8.31 -37.25 -25.26
N GLY B 242 -7.87 -37.80 -24.14
CA GLY B 242 -6.52 -38.40 -24.07
C GLY B 242 -5.33 -37.44 -23.81
N LYS B 243 -5.55 -36.12 -23.85
CA LYS B 243 -4.47 -35.14 -23.75
C LYS B 243 -4.55 -34.36 -22.50
N ILE B 244 -3.46 -33.73 -22.17
CA ILE B 244 -3.43 -32.69 -21.16
C ILE B 244 -3.21 -31.36 -21.86
N VAL B 245 -4.08 -30.37 -21.60
CA VAL B 245 -3.92 -29.04 -22.08
C VAL B 245 -3.58 -28.11 -20.88
N LEU B 246 -2.53 -27.31 -21.02
CA LEU B 246 -2.05 -26.39 -20.02
C LEU B 246 -1.72 -25.08 -20.74
N MET B 247 -2.53 -24.08 -20.45
CA MET B 247 -2.37 -22.75 -21.06
C MET B 247 -2.34 -21.58 -20.09
N GLU B 248 -1.51 -20.55 -20.37
CA GLU B 248 -1.56 -19.33 -19.57
C GLU B 248 -2.82 -18.60 -19.92
N ILE B 249 -3.45 -18.01 -18.88
CA ILE B 249 -4.60 -17.05 -19.00
C ILE B 249 -4.38 -15.72 -18.26
N GLY B 250 -5.18 -14.73 -18.60
CA GLY B 250 -5.34 -13.52 -17.80
C GLY B 250 -6.11 -13.74 -16.52
N GLU B 251 -5.94 -12.84 -15.54
CA GLU B 251 -6.42 -13.03 -14.14
C GLU B 251 -7.94 -12.94 -13.93
N ASP B 252 -8.59 -12.04 -14.68
CA ASP B 252 -10.03 -11.82 -14.65
C ASP B 252 -10.82 -12.92 -15.38
N GLN B 253 -10.16 -13.87 -16.04
CA GLN B 253 -10.84 -14.70 -17.10
C GLN B 253 -11.47 -16.04 -16.64
N VAL B 254 -11.32 -16.41 -15.37
CA VAL B 254 -11.66 -17.79 -14.90
C VAL B 254 -13.13 -18.11 -15.06
N GLU B 255 -13.98 -17.18 -14.60
CA GLU B 255 -15.43 -17.44 -14.57
C GLU B 255 -15.94 -17.63 -16.01
N GLU B 256 -15.47 -16.81 -16.96
CA GLU B 256 -15.85 -17.01 -18.37
C GLU B 256 -15.24 -18.32 -18.97
N LEU B 257 -14.03 -18.68 -18.55
CA LEU B 257 -13.36 -19.83 -19.16
C LEU B 257 -14.12 -21.14 -18.81
N LYS B 258 -14.65 -21.18 -17.57
CA LYS B 258 -15.47 -22.29 -17.08
C LYS B 258 -16.67 -22.53 -17.96
N LYS B 259 -17.14 -21.49 -18.59
CA LYS B 259 -18.29 -21.61 -19.50
C LYS B 259 -17.96 -22.03 -20.91
N ILE B 260 -16.73 -21.71 -21.34
CA ILE B 260 -16.23 -22.18 -22.64
C ILE B 260 -15.74 -23.63 -22.58
N VAL B 261 -15.07 -24.00 -21.51
CA VAL B 261 -14.57 -25.39 -21.33
C VAL B 261 -14.86 -25.82 -19.87
N SER B 262 -15.92 -26.59 -19.68
CA SER B 262 -16.24 -27.39 -18.49
C SER B 262 -15.11 -28.25 -18.00
N ASP B 263 -15.05 -28.73 -16.78
CA ASP B 263 -14.02 -29.81 -16.54
C ASP B 263 -12.60 -29.31 -16.15
N THR B 264 -12.38 -28.03 -16.40
CA THR B 264 -11.09 -27.44 -16.32
C THR B 264 -10.85 -27.09 -14.89
N VAL B 265 -9.62 -27.31 -14.46
CA VAL B 265 -9.10 -26.75 -13.21
C VAL B 265 -8.25 -25.47 -13.50
N PHE B 266 -8.11 -24.57 -12.52
CA PHE B 266 -7.29 -23.38 -12.66
C PHE B 266 -6.30 -23.24 -11.57
N LEU B 267 -5.05 -22.94 -11.95
CA LEU B 267 -3.95 -22.97 -11.02
C LEU B 267 -3.46 -21.55 -10.76
N LYS B 268 -3.08 -21.35 -9.51
CA LYS B 268 -2.61 -20.06 -9.02
C LYS B 268 -1.08 -19.96 -9.29
N ASP B 269 -0.65 -18.83 -9.84
CA ASP B 269 0.68 -18.18 -9.66
C ASP B 269 1.50 -18.48 -8.39
N SER B 270 2.67 -17.84 -8.29
CA SER B 270 3.44 -17.86 -7.05
C SER B 270 3.04 -16.61 -6.27
N ALA B 271 2.58 -15.62 -7.01
CA ALA B 271 1.88 -14.45 -6.50
C ALA B 271 0.41 -14.62 -6.08
N GLY B 272 -0.04 -15.84 -5.75
CA GLY B 272 -1.39 -16.07 -5.28
C GLY B 272 -2.52 -16.04 -6.30
N LYS B 273 -2.34 -15.40 -7.47
CA LYS B 273 -3.40 -15.29 -8.49
C LYS B 273 -3.59 -16.44 -9.58
N TYR B 274 -4.84 -16.68 -9.99
CA TYR B 274 -5.18 -17.59 -11.10
C TYR B 274 -4.61 -17.12 -12.48
N ARG B 275 -3.78 -18.00 -13.06
CA ARG B 275 -3.07 -17.70 -14.30
C ARG B 275 -2.90 -18.90 -15.26
N PHE B 276 -3.12 -20.12 -14.80
CA PHE B 276 -3.08 -21.22 -15.73
C PHE B 276 -4.38 -22.01 -15.73
N LEU B 277 -4.79 -22.37 -16.91
CA LEU B 277 -5.77 -23.41 -17.03
C LEU B 277 -5.18 -24.81 -17.35
N LEU B 278 -5.70 -25.81 -16.70
CA LEU B 278 -5.25 -27.20 -16.86
C LEU B 278 -6.46 -28.05 -17.07
N LEU B 279 -6.51 -28.69 -18.21
CA LEU B 279 -7.50 -29.71 -18.53
C LEU B 279 -6.78 -31.03 -18.70
N ASN B 280 -6.76 -31.88 -17.68
CA ASN B 280 -6.14 -33.21 -17.72
C ASN B 280 -7.14 -34.24 -18.18
N ARG B 281 -7.12 -34.66 -19.47
CA ARG B 281 -7.97 -35.82 -19.96
C ARG B 281 -7.13 -37.04 -20.39
N ARG B 282 -6.02 -37.27 -19.69
CA ARG B 282 -5.15 -38.45 -19.98
C ARG B 282 -5.79 -39.69 -19.38
N SER B 283 -5.96 -40.77 -20.09
CA SER B 283 -6.64 -41.93 -19.37
C SER B 283 -5.76 -42.77 -18.40
N SAM C . -9.09 16.33 28.49
CA SAM C . -8.00 16.04 27.52
C SAM C . -8.50 15.35 26.22
O SAM C . -7.76 15.31 25.20
OXT SAM C . -9.65 14.79 26.23
CB SAM C . -6.94 15.20 28.20
CG SAM C . -7.28 13.70 28.31
SD SAM C . -5.96 12.69 29.03
CE SAM C . -6.78 11.06 28.83
C5' SAM C . -6.30 12.73 30.88
C4' SAM C . -5.63 13.87 31.62
O4' SAM C . -5.86 13.86 33.06
C3' SAM C . -4.07 13.87 31.44
O3' SAM C . -3.63 15.18 30.94
C2' SAM C . -3.52 13.63 32.86
O2' SAM C . -2.44 14.43 33.20
C1' SAM C . -4.66 14.22 33.76
N9 SAM C . -5.03 13.64 35.04
C8 SAM C . -4.95 12.33 35.48
N7 SAM C . -5.44 12.27 36.73
C5 SAM C . -5.93 13.51 37.07
C6 SAM C . -6.55 14.02 38.20
N6 SAM C . -6.92 13.28 39.23
N1 SAM C . -6.84 15.34 38.21
C2 SAM C . -6.54 16.15 37.17
N3 SAM C . -5.92 15.66 36.08
C4 SAM C . -5.62 14.39 36.04
N MEQ D . -9.02 4.63 25.38
CA MEQ D . -7.95 5.64 25.08
CB MEQ D . -7.63 6.71 26.13
CG MEQ D . -8.76 7.69 26.48
CD MEQ D . -8.78 7.76 28.00
OE1 MEQ D . -8.27 6.81 28.70
NE2 MEQ D . -9.33 8.94 28.54
CE MEQ D . -8.15 9.80 28.77
C MEQ D . -6.66 4.89 24.91
O MEQ D . -5.65 5.57 24.70
N SAM E . 5.12 -18.63 -26.12
CA SAM E . 5.56 -17.24 -26.31
C SAM E . 6.02 -16.91 -24.96
O SAM E . 6.87 -16.09 -24.66
OXT SAM E . 5.28 -17.36 -24.14
CB SAM E . 4.31 -16.39 -26.32
CG SAM E . 4.21 -15.56 -27.45
SD SAM E . 2.79 -14.44 -27.49
CE SAM E . 1.81 -13.97 -26.09
C5' SAM E . 1.59 -15.38 -28.48
C4' SAM E . 2.12 -15.94 -29.78
O4' SAM E . 0.96 -16.56 -30.46
C3' SAM E . 2.71 -14.94 -30.75
O3' SAM E . 3.93 -15.45 -31.28
C2' SAM E . 1.68 -14.89 -31.90
O2' SAM E . 2.21 -14.78 -33.18
C1' SAM E . 1.09 -16.33 -31.85
N9 SAM E . -0.31 -16.65 -32.20
C8 SAM E . -1.47 -15.91 -31.96
N7 SAM E . -2.52 -16.62 -32.35
C5 SAM E . -2.02 -17.82 -32.82
C6 SAM E . -2.61 -18.98 -33.28
N6 SAM E . -3.92 -19.02 -33.40
N1 SAM E . -1.82 -20.04 -33.64
C2 SAM E . -0.45 -20.01 -33.55
N3 SAM E . 0.09 -18.86 -33.05
C4 SAM E . -0.66 -17.81 -32.75
N MEQ F . -0.69 -11.67 -19.53
CA MEQ F . 0.43 -10.97 -20.16
CB MEQ F . 0.62 -11.29 -21.63
CG MEQ F . 0.32 -11.54 -22.10
CD MEQ F . -0.73 -12.53 -23.12
OE1 MEQ F . -1.54 -12.02 -23.91
NE2 MEQ F . -0.48 -13.92 -23.08
CE MEQ F . 0.32 -14.15 -24.25
C MEQ F . 0.17 -9.46 -20.06
O MEQ F . 1.05 -8.77 -20.94
#